data_9ISC
#
_entry.id   9ISC
#
_cell.length_a   115.559
_cell.length_b   115.559
_cell.length_c   112.958
_cell.angle_alpha   90.00
_cell.angle_beta   90.00
_cell.angle_gamma   120.00
#
_symmetry.space_group_name_H-M   'P 65'
#
loop_
_entity.id
_entity.type
_entity.pdbx_description
1 polymer 'Bifunctional methylenetetrahydrofolate dehydrogenase/cyclohydrolase, mitochondrial'
2 non-polymer NICOTINAMIDE-ADENINE-DINUCLEOTIDE
3 non-polymer '(2~{S})-2-[[4-[[2,4-bis(azanyl)-6-oxidanylidene-1~{H}-pyrimidin-5-yl]carbamoylamino]phenyl]carbonylamino]-4-(1~{H}-1,2,3,4-tetrazol-5-yl)butanoic acid'
4 non-polymer 'PHOSPHATE ION'
5 water water
#
_entity_poly.entity_id   1
_entity_poly.type   'polypeptide(L)'
_entity_poly.pdbx_seq_one_letter_code
;GSHMEAVVISGRKLAQQIKQEVRQEVEEWVASGNKRPHLSVILVGENPASHSYVLNKTRAAAVVGINSETIMKPASISEE
ELLNLINKLNNDDNVDGLLVQLPLPEHIDERRICNAVSPDKDVDGFHVINVGRMCLDQYSMLPATPWGVWEIIKRTGIPT
LGKNVVVAGRSKNVGMPIAMLLHTDGAHERPGGDATVTISHRYTPKEQLKKHTILADIVISAAGIPNLITADMIKEGAAV
IDVGINRVHDPVTAKPKLVGDVDFEGVRQKAGYITPVPGGVGPMTVAMLMKNTIIAAKKVLRLEEREVLKSKELGVATN
;
_entity_poly.pdbx_strand_id   A,B
#
# COMPACT_ATOMS: atom_id res chain seq x y z
N GLU A 5 4.27 35.56 3.28
CA GLU A 5 2.94 34.95 3.40
C GLU A 5 2.74 33.92 2.28
N ALA A 6 2.05 32.82 2.59
CA ALA A 6 1.92 31.69 1.66
C ALA A 6 0.91 31.98 0.54
N VAL A 7 1.19 31.43 -0.64
CA VAL A 7 0.21 31.42 -1.71
C VAL A 7 -0.93 30.48 -1.36
N VAL A 8 -2.16 31.00 -1.40
CA VAL A 8 -3.34 30.16 -1.18
C VAL A 8 -3.75 29.61 -2.55
N ILE A 9 -3.66 28.30 -2.69
CA ILE A 9 -4.08 27.61 -3.90
C ILE A 9 -5.60 27.44 -3.82
N SER A 10 -6.31 27.87 -4.86
CA SER A 10 -7.75 27.65 -4.89
C SER A 10 -8.04 26.29 -5.53
N GLY A 11 -8.52 25.35 -4.71
CA GLY A 11 -8.99 24.09 -5.28
C GLY A 11 -10.24 24.26 -6.10
N ARG A 12 -11.07 25.25 -5.73
CA ARG A 12 -12.22 25.65 -6.53
C ARG A 12 -11.80 26.03 -7.95
N LYS A 13 -10.76 26.85 -8.07
CA LYS A 13 -10.37 27.34 -9.39
C LYS A 13 -9.72 26.22 -10.21
N LEU A 14 -8.80 25.47 -9.62
CA LEU A 14 -8.19 24.34 -10.32
C LEU A 14 -9.22 23.32 -10.74
N ALA A 15 -10.15 22.99 -9.84
CA ALA A 15 -11.20 22.03 -10.17
C ALA A 15 -12.05 22.52 -11.35
N GLN A 16 -12.46 23.80 -11.31
CA GLN A 16 -13.28 24.37 -12.37
C GLN A 16 -12.60 24.23 -13.73
N GLN A 17 -11.29 24.51 -13.79
CA GLN A 17 -10.56 24.36 -15.05
C GLN A 17 -10.55 22.91 -15.53
N ILE A 18 -10.29 21.97 -14.60
CA ILE A 18 -10.23 20.56 -14.96
C ILE A 18 -11.57 20.07 -15.48
N LYS A 19 -12.67 20.58 -14.90
CA LYS A 19 -13.98 20.21 -15.41
C LYS A 19 -14.13 20.62 -16.86
N GLN A 20 -13.63 21.82 -17.23
CA GLN A 20 -13.66 22.26 -18.63
C GLN A 20 -12.98 21.25 -19.53
N GLU A 21 -11.80 20.80 -19.14
CA GLU A 21 -11.13 19.77 -19.94
C GLU A 21 -12.00 18.52 -20.05
N VAL A 22 -12.59 18.07 -18.95
CA VAL A 22 -13.47 16.91 -19.03
C VAL A 22 -14.65 17.22 -19.95
N ARG A 23 -15.23 18.40 -19.82
CA ARG A 23 -16.34 18.76 -20.70
C ARG A 23 -15.95 18.67 -22.17
N GLN A 24 -14.77 19.18 -22.53
CA GLN A 24 -14.32 19.14 -23.91
C GLN A 24 -14.11 17.72 -24.37
N GLU A 25 -13.55 16.89 -23.51
CA GLU A 25 -13.31 15.51 -23.86
C GLU A 25 -14.62 14.75 -24.02
N VAL A 26 -15.65 15.12 -23.27
CA VAL A 26 -16.93 14.41 -23.36
C VAL A 26 -17.66 14.77 -24.65
N GLU A 27 -17.80 16.06 -24.94
CA GLU A 27 -18.50 16.46 -26.17
C GLU A 27 -17.78 15.93 -27.41
N GLU A 28 -16.45 15.78 -27.35
CA GLU A 28 -15.75 15.15 -28.46
C GLU A 28 -16.03 13.66 -28.52
N TRP A 29 -16.01 12.98 -27.36
CA TRP A 29 -16.41 11.58 -27.29
C TRP A 29 -17.81 11.37 -27.84
N VAL A 30 -18.71 12.29 -27.53
CA VAL A 30 -20.09 12.18 -28.01
C VAL A 30 -20.18 12.50 -29.50
N ALA A 31 -19.50 13.58 -29.93
CA ALA A 31 -19.53 13.97 -31.34
C ALA A 31 -18.91 12.90 -32.23
N SER A 32 -18.00 12.08 -31.69
CA SER A 32 -17.53 10.91 -32.44
C SER A 32 -18.58 9.82 -32.54
N GLY A 33 -19.76 10.02 -31.96
CA GLY A 33 -20.82 9.04 -32.03
C GLY A 33 -20.81 7.95 -30.99
N ASN A 34 -20.26 8.19 -29.81
CA ASN A 34 -20.43 7.25 -28.71
C ASN A 34 -21.52 7.76 -27.79
N LYS A 35 -22.02 6.85 -26.97
CA LYS A 35 -23.08 7.20 -26.03
C LYS A 35 -22.57 8.25 -25.07
N ARG A 36 -23.43 9.17 -24.67
CA ARG A 36 -23.05 10.11 -23.62
C ARG A 36 -22.79 9.36 -22.31
N PRO A 37 -21.71 9.69 -21.60
CA PRO A 37 -21.40 8.96 -20.36
C PRO A 37 -22.47 9.21 -19.30
N HIS A 38 -22.82 8.14 -18.56
CA HIS A 38 -23.76 8.20 -17.44
C HIS A 38 -23.11 7.68 -16.17
N LEU A 39 -23.25 8.46 -15.09
CA LEU A 39 -22.75 8.15 -13.77
C LEU A 39 -23.92 7.86 -12.84
N SER A 40 -23.81 6.77 -12.09
CA SER A 40 -24.79 6.42 -11.06
C SER A 40 -24.11 6.42 -9.70
N VAL A 41 -24.62 7.26 -8.79
CA VAL A 41 -24.21 7.30 -7.40
C VAL A 41 -25.29 6.70 -6.52
N ILE A 42 -24.92 5.74 -5.68
CA ILE A 42 -25.83 5.15 -4.71
C ILE A 42 -25.57 5.79 -3.36
N LEU A 43 -26.60 6.43 -2.79
CA LEU A 43 -26.50 7.07 -1.49
C LEU A 43 -27.38 6.33 -0.48
N VAL A 44 -26.77 5.91 0.63
CA VAL A 44 -27.45 5.14 1.68
C VAL A 44 -27.57 5.99 2.94
N GLY A 45 -28.78 6.13 3.47
CA GLY A 45 -28.94 6.86 4.70
C GLY A 45 -28.90 8.37 4.53
N GLU A 46 -28.61 9.06 5.65
CA GLU A 46 -28.88 10.49 5.73
C GLU A 46 -27.74 11.30 6.33
N ASN A 47 -26.50 10.80 6.30
CA ASN A 47 -25.37 11.63 6.67
C ASN A 47 -25.42 12.95 5.88
N PRO A 48 -25.51 14.10 6.56
CA PRO A 48 -25.65 15.36 5.82
C PRO A 48 -24.44 15.69 4.94
N ALA A 49 -23.22 15.44 5.44
CA ALA A 49 -22.03 15.67 4.64
C ALA A 49 -22.02 14.79 3.40
N SER A 50 -22.52 13.56 3.51
CA SER A 50 -22.58 12.69 2.35
C SER A 50 -23.49 13.28 1.27
N HIS A 51 -24.60 13.88 1.69
CA HIS A 51 -25.57 14.42 0.74
C HIS A 51 -25.04 15.66 0.04
N SER A 52 -24.31 16.52 0.76
CA SER A 52 -23.60 17.61 0.12
C SER A 52 -22.65 17.08 -0.94
N TYR A 53 -21.78 16.13 -0.55
CA TYR A 53 -20.74 15.68 -1.47
C TYR A 53 -21.34 15.07 -2.72
N VAL A 54 -22.34 14.20 -2.55
CA VAL A 54 -23.01 13.60 -3.71
C VAL A 54 -23.67 14.68 -4.54
N LEU A 55 -24.22 15.71 -3.88
CA LEU A 55 -24.87 16.79 -4.63
C LEU A 55 -23.86 17.51 -5.51
N ASN A 56 -22.66 17.77 -4.96
CA ASN A 56 -21.60 18.38 -5.72
C ASN A 56 -21.12 17.47 -6.85
N LYS A 57 -21.08 16.16 -6.61
CA LYS A 57 -20.70 15.25 -7.70
C LYS A 57 -21.71 15.32 -8.82
N THR A 58 -23.00 15.30 -8.49
CA THR A 58 -24.01 15.33 -9.56
C THR A 58 -24.05 16.68 -10.27
N ARG A 59 -23.76 17.77 -9.54
CA ARG A 59 -23.69 19.07 -10.20
C ARG A 59 -22.54 19.11 -11.18
N ALA A 60 -21.37 18.57 -10.81
CA ALA A 60 -20.26 18.57 -11.75
C ALA A 60 -20.55 17.69 -12.96
N ALA A 61 -21.29 16.60 -12.77
CA ALA A 61 -21.64 15.75 -13.91
C ALA A 61 -22.45 16.55 -14.93
N ALA A 62 -23.41 17.34 -14.46
CA ALA A 62 -24.17 18.19 -15.36
C ALA A 62 -23.24 19.21 -16.05
N VAL A 63 -22.33 19.82 -15.30
CA VAL A 63 -21.41 20.81 -15.87
C VAL A 63 -20.57 20.19 -16.98
N VAL A 64 -20.09 18.97 -16.79
CA VAL A 64 -19.20 18.35 -17.78
C VAL A 64 -19.98 17.50 -18.80
N GLY A 65 -21.30 17.57 -18.78
CA GLY A 65 -22.08 16.87 -19.79
C GLY A 65 -22.16 15.38 -19.61
N ILE A 66 -21.95 14.88 -18.40
CA ILE A 66 -22.21 13.48 -18.07
C ILE A 66 -23.59 13.37 -17.45
N ASN A 67 -24.41 12.46 -17.96
CA ASN A 67 -25.67 12.14 -17.30
C ASN A 67 -25.42 11.49 -15.95
N SER A 68 -26.28 11.79 -14.99
CA SER A 68 -26.13 11.23 -13.65
C SER A 68 -27.50 10.93 -13.06
N GLU A 69 -27.50 10.01 -12.11
CA GLU A 69 -28.62 9.84 -11.19
C GLU A 69 -28.05 9.55 -9.83
N THR A 70 -28.65 10.15 -8.79
CA THR A 70 -28.42 9.67 -7.43
C THR A 70 -29.57 8.74 -7.05
N ILE A 71 -29.23 7.57 -6.55
CA ILE A 71 -30.22 6.61 -6.05
C ILE A 71 -30.07 6.60 -4.53
N MET A 72 -31.05 7.18 -3.85
CA MET A 72 -31.02 7.21 -2.41
C MET A 72 -31.78 6.02 -1.86
N LYS A 73 -31.22 5.43 -0.81
CA LYS A 73 -31.78 4.29 -0.10
C LYS A 73 -31.68 4.58 1.40
N PRO A 74 -32.63 4.05 2.19
CA PRO A 74 -32.56 4.25 3.64
C PRO A 74 -31.45 3.44 4.28
N ALA A 75 -31.00 3.90 5.43
CA ALA A 75 -29.93 3.20 6.12
C ALA A 75 -30.32 1.78 6.53
N SER A 76 -31.61 1.49 6.67
CA SER A 76 -32.08 0.18 7.12
C SER A 76 -32.06 -0.87 6.03
N ILE A 77 -31.62 -0.50 4.83
CA ILE A 77 -31.43 -1.46 3.75
C ILE A 77 -30.42 -2.55 4.19
N SER A 78 -30.61 -3.76 3.69
CA SER A 78 -29.70 -4.85 3.95
C SER A 78 -28.60 -4.94 2.90
N GLU A 79 -27.55 -5.68 3.25
CA GLU A 79 -26.43 -5.87 2.35
C GLU A 79 -26.85 -6.60 1.09
N GLU A 80 -27.75 -7.57 1.19
CA GLU A 80 -28.17 -8.24 -0.04
C GLU A 80 -28.91 -7.26 -0.95
N GLU A 81 -29.74 -6.40 -0.37
CA GLU A 81 -30.52 -5.48 -1.18
C GLU A 81 -29.61 -4.50 -1.93
N LEU A 82 -28.58 -3.99 -1.25
CA LEU A 82 -27.59 -3.14 -1.91
C LEU A 82 -26.85 -3.89 -3.00
N LEU A 83 -26.46 -5.14 -2.73
CA LEU A 83 -25.78 -5.96 -3.75
C LEU A 83 -26.66 -6.20 -4.96
N ASN A 84 -27.97 -6.38 -4.75
CA ASN A 84 -28.87 -6.57 -5.86
C ASN A 84 -28.92 -5.33 -6.73
N LEU A 85 -28.99 -4.16 -6.10
CA LEU A 85 -29.00 -2.90 -6.83
C LEU A 85 -27.70 -2.73 -7.62
N ILE A 86 -26.57 -3.01 -6.99
CA ILE A 86 -25.27 -2.85 -7.64
C ILE A 86 -25.19 -3.77 -8.84
N ASN A 87 -25.61 -5.03 -8.67
CA ASN A 87 -25.64 -5.98 -9.77
C ASN A 87 -26.55 -5.50 -10.89
N LYS A 88 -27.72 -4.94 -10.53
CA LYS A 88 -28.61 -4.39 -11.55
C LYS A 88 -27.88 -3.34 -12.38
N LEU A 89 -27.28 -2.35 -11.70
CA LEU A 89 -26.55 -1.30 -12.40
C LEU A 89 -25.29 -1.83 -13.08
N ASN A 90 -24.64 -2.85 -12.51
CA ASN A 90 -23.48 -3.45 -13.18
C ASN A 90 -23.87 -3.97 -14.56
N ASN A 91 -25.14 -4.30 -14.74
CA ASN A 91 -25.64 -4.92 -15.96
C ASN A 91 -26.40 -3.97 -16.84
N ASP A 92 -26.51 -2.71 -16.46
CA ASP A 92 -27.15 -1.70 -17.28
C ASP A 92 -26.10 -1.09 -18.20
N ASP A 93 -26.16 -1.44 -19.49
CA ASP A 93 -25.17 -0.98 -20.47
C ASP A 93 -25.11 0.54 -20.52
N ASN A 94 -26.22 1.21 -20.19
CA ASN A 94 -26.26 2.66 -20.13
C ASN A 94 -25.44 3.25 -18.98
N VAL A 95 -25.12 2.46 -17.97
CA VAL A 95 -24.36 2.95 -16.81
C VAL A 95 -22.90 2.68 -17.08
N ASP A 96 -22.11 3.76 -17.26
CA ASP A 96 -20.66 3.63 -17.40
C ASP A 96 -19.93 3.73 -16.08
N GLY A 97 -20.42 4.57 -15.18
CA GLY A 97 -19.76 4.81 -13.90
C GLY A 97 -20.72 4.54 -12.74
N LEU A 98 -20.21 3.84 -11.72
CA LEU A 98 -21.01 3.42 -10.58
C LEU A 98 -20.20 3.59 -9.31
N LEU A 99 -20.68 4.41 -8.39
CA LEU A 99 -20.02 4.50 -7.10
C LEU A 99 -21.06 4.46 -5.97
N VAL A 100 -20.65 3.91 -4.84
CA VAL A 100 -21.46 3.93 -3.62
C VAL A 100 -20.84 4.91 -2.65
N GLN A 101 -21.59 5.95 -2.28
CA GLN A 101 -21.03 6.91 -1.34
C GLN A 101 -20.78 6.26 0.02
N LEU A 102 -19.62 6.55 0.60
CA LEU A 102 -19.20 6.09 1.92
C LEU A 102 -19.25 7.23 2.95
N PRO A 103 -19.40 6.91 4.26
CA PRO A 103 -19.46 5.58 4.88
C PRO A 103 -20.83 4.91 4.75
N LEU A 104 -20.87 3.60 4.91
CA LEU A 104 -22.08 2.79 4.90
C LEU A 104 -22.44 2.39 6.32
N PRO A 105 -23.71 2.03 6.59
CA PRO A 105 -24.08 1.62 7.96
C PRO A 105 -23.30 0.39 8.41
N GLU A 106 -23.22 0.22 9.73
CA GLU A 106 -22.37 -0.83 10.31
C GLU A 106 -22.73 -2.23 9.85
N HIS A 107 -23.94 -2.47 9.36
CA HIS A 107 -24.29 -3.81 8.95
C HIS A 107 -23.97 -4.11 7.50
N ILE A 108 -23.53 -3.12 6.73
CA ILE A 108 -23.06 -3.31 5.35
C ILE A 108 -21.54 -3.34 5.39
N ASP A 109 -20.94 -4.36 4.78
CA ASP A 109 -19.49 -4.41 4.70
C ASP A 109 -18.98 -3.61 3.48
N GLU A 110 -18.23 -2.53 3.76
CA GLU A 110 -17.76 -1.64 2.68
C GLU A 110 -16.98 -2.37 1.61
N ARG A 111 -16.04 -3.24 2.04
CA ARG A 111 -15.18 -3.92 1.09
C ARG A 111 -15.98 -4.84 0.19
N ARG A 112 -16.98 -5.51 0.74
CA ARG A 112 -17.79 -6.37 -0.10
C ARG A 112 -18.59 -5.55 -1.10
N ILE A 113 -19.14 -4.41 -0.65
CA ILE A 113 -19.84 -3.49 -1.55
C ILE A 113 -18.88 -2.95 -2.61
N CYS A 114 -17.72 -2.46 -2.18
CA CYS A 114 -16.75 -1.91 -3.13
C CYS A 114 -16.32 -2.95 -4.15
N ASN A 115 -16.10 -4.19 -3.71
CA ASN A 115 -15.67 -5.22 -4.65
C ASN A 115 -16.79 -5.70 -5.54
N ALA A 116 -18.04 -5.40 -5.21
CA ALA A 116 -19.15 -5.83 -6.04
C ALA A 116 -19.39 -4.93 -7.24
N VAL A 117 -18.80 -3.72 -7.26
CA VAL A 117 -18.88 -2.85 -8.43
C VAL A 117 -18.06 -3.46 -9.56
N SER A 118 -18.67 -3.62 -10.72
CA SER A 118 -17.93 -4.12 -11.86
C SER A 118 -16.66 -3.27 -12.04
N PRO A 119 -15.48 -3.88 -12.07
CA PRO A 119 -14.24 -3.07 -12.03
C PRO A 119 -14.12 -2.09 -13.17
N ASP A 120 -14.82 -2.31 -14.29
CA ASP A 120 -14.77 -1.33 -15.37
C ASP A 120 -15.60 -0.09 -15.05
N LYS A 121 -16.63 -0.23 -14.22
CA LYS A 121 -17.43 0.91 -13.77
C LYS A 121 -16.94 1.50 -12.45
N ASP A 122 -15.83 1.00 -11.90
CA ASP A 122 -15.36 1.39 -10.58
C ASP A 122 -14.68 2.75 -10.65
N VAL A 123 -15.51 3.80 -10.77
CA VAL A 123 -14.96 5.15 -10.83
C VAL A 123 -14.29 5.58 -9.54
N ASP A 124 -14.57 4.90 -8.41
CA ASP A 124 -13.92 5.24 -7.14
C ASP A 124 -12.49 4.72 -7.03
N GLY A 125 -12.11 3.72 -7.82
CA GLY A 125 -10.85 3.05 -7.58
C GLY A 125 -10.81 2.19 -6.33
N PHE A 126 -11.96 1.74 -5.83
CA PHE A 126 -11.99 1.07 -4.53
C PHE A 126 -11.99 -0.44 -4.61
N HIS A 127 -12.26 -1.03 -5.78
CA HIS A 127 -12.21 -2.47 -5.96
C HIS A 127 -10.80 -3.00 -5.70
N VAL A 128 -10.72 -4.19 -5.11
CA VAL A 128 -9.44 -4.71 -4.61
C VAL A 128 -8.42 -4.88 -5.75
N ILE A 129 -8.86 -5.28 -6.95
CA ILE A 129 -7.93 -5.37 -8.07
C ILE A 129 -7.35 -3.98 -8.38
N ASN A 130 -8.21 -2.98 -8.38
CA ASN A 130 -7.75 -1.62 -8.61
C ASN A 130 -6.76 -1.16 -7.53
N VAL A 131 -7.02 -1.52 -6.26
CA VAL A 131 -6.10 -1.19 -5.17
C VAL A 131 -4.79 -1.94 -5.35
N GLY A 132 -4.87 -3.23 -5.64
CA GLY A 132 -3.65 -3.97 -5.89
C GLY A 132 -2.81 -3.31 -6.97
N ARG A 133 -3.44 -3.02 -8.11
CA ARG A 133 -2.68 -2.49 -9.25
C ARG A 133 -2.05 -1.14 -8.92
N MET A 134 -2.79 -0.26 -8.24
CA MET A 134 -2.21 1.00 -7.80
C MET A 134 -1.03 0.76 -6.88
N CYS A 135 -1.14 -0.22 -5.97
CA CYS A 135 -0.06 -0.51 -5.05
C CYS A 135 1.11 -1.17 -5.73
N LEU A 136 0.90 -1.77 -6.89
CA LEU A 136 2.00 -2.27 -7.69
C LEU A 136 2.47 -1.27 -8.77
N ASP A 137 1.97 -0.02 -8.76
CA ASP A 137 2.37 1.03 -9.69
C ASP A 137 2.01 0.70 -11.14
N GLN A 138 1.06 -0.20 -11.32
CA GLN A 138 0.52 -0.48 -12.63
C GLN A 138 -0.53 0.56 -13.00
N TYR A 139 -0.95 0.54 -14.27
CA TYR A 139 -2.11 1.33 -14.69
C TYR A 139 -3.33 0.89 -13.88
N SER A 140 -4.08 1.88 -13.40
CA SER A 140 -5.21 1.61 -12.53
C SER A 140 -6.06 2.85 -12.50
N MET A 141 -7.31 2.70 -12.08
CA MET A 141 -8.17 3.83 -11.80
C MET A 141 -7.76 4.39 -10.46
N LEU A 142 -7.42 5.68 -10.44
CA LEU A 142 -6.97 6.25 -9.18
C LEU A 142 -8.16 6.77 -8.35
N PRO A 143 -8.14 6.63 -7.03
CA PRO A 143 -9.20 7.25 -6.23
C PRO A 143 -9.13 8.76 -6.33
N ALA A 144 -10.30 9.39 -6.23
CA ALA A 144 -10.44 10.80 -6.60
C ALA A 144 -9.65 11.70 -5.64
N THR A 145 -9.98 11.64 -4.35
CA THR A 145 -9.32 12.52 -3.39
C THR A 145 -7.80 12.41 -3.45
N PRO A 146 -7.19 11.23 -3.39
CA PRO A 146 -5.71 11.20 -3.52
C PRO A 146 -5.24 11.77 -4.85
N TRP A 147 -5.92 11.47 -5.95
CA TRP A 147 -5.51 12.02 -7.23
C TRP A 147 -5.71 13.53 -7.28
N GLY A 148 -6.76 14.04 -6.62
CA GLY A 148 -6.89 15.48 -6.50
C GLY A 148 -5.74 16.12 -5.73
N VAL A 149 -5.30 15.48 -4.63
CA VAL A 149 -4.15 15.96 -3.85
C VAL A 149 -2.90 16.00 -4.73
N TRP A 150 -2.70 14.95 -5.54
CA TRP A 150 -1.58 14.91 -6.46
C TRP A 150 -1.67 16.02 -7.50
N GLU A 151 -2.87 16.27 -8.06
CA GLU A 151 -2.99 17.28 -9.10
C GLU A 151 -2.72 18.67 -8.53
N ILE A 152 -3.11 18.91 -7.28
CA ILE A 152 -2.79 20.19 -6.64
C ILE A 152 -1.27 20.37 -6.59
N ILE A 153 -0.54 19.31 -6.26
CA ILE A 153 0.91 19.43 -6.17
C ILE A 153 1.52 19.58 -7.56
N LYS A 154 1.07 18.76 -8.52
CA LYS A 154 1.62 18.80 -9.87
C LYS A 154 1.24 20.08 -10.62
N ARG A 155 -0.03 20.44 -10.64
CA ARG A 155 -0.43 21.60 -11.43
C ARG A 155 0.07 22.91 -10.86
N THR A 156 0.42 22.96 -9.57
CA THR A 156 1.08 24.11 -8.95
C THR A 156 2.60 24.10 -9.14
N GLY A 157 3.18 23.04 -9.68
CA GLY A 157 4.62 23.05 -9.89
C GLY A 157 5.46 22.74 -8.66
N ILE A 158 4.86 22.30 -7.56
CA ILE A 158 5.60 21.99 -6.32
C ILE A 158 6.37 20.69 -6.51
N PRO A 159 7.70 20.68 -6.34
CA PRO A 159 8.46 19.46 -6.60
C PRO A 159 8.36 18.44 -5.47
N THR A 160 8.38 17.17 -5.87
CA THR A 160 8.30 16.04 -4.95
C THR A 160 9.55 15.17 -4.89
N LEU A 161 10.28 15.01 -5.98
CA LEU A 161 11.41 14.07 -6.02
C LEU A 161 12.50 14.44 -5.02
N GLY A 162 12.90 13.45 -4.22
CA GLY A 162 13.88 13.66 -3.17
C GLY A 162 13.42 14.56 -2.05
N LYS A 163 12.15 14.95 -2.03
CA LYS A 163 11.63 15.85 -1.00
C LYS A 163 10.98 15.07 0.13
N ASN A 164 10.87 15.73 1.28
CA ASN A 164 10.29 15.14 2.49
C ASN A 164 8.79 15.41 2.53
N VAL A 165 7.99 14.35 2.62
CA VAL A 165 6.55 14.48 2.72
C VAL A 165 6.05 13.73 3.95
N VAL A 166 5.24 14.38 4.74
CA VAL A 166 4.51 13.76 5.84
C VAL A 166 3.04 13.72 5.46
N VAL A 167 2.43 12.55 5.56
CA VAL A 167 0.97 12.40 5.51
C VAL A 167 0.48 12.04 6.91
N ALA A 168 -0.41 12.86 7.47
CA ALA A 168 -1.04 12.52 8.73
C ALA A 168 -2.35 11.80 8.42
N GLY A 169 -2.38 10.50 8.66
CA GLY A 169 -3.55 9.72 8.32
C GLY A 169 -3.23 8.56 7.40
N ARG A 170 -3.97 7.47 7.56
CA ARG A 170 -3.64 6.22 6.88
C ARG A 170 -4.89 5.48 6.40
N SER A 171 -6.04 6.17 6.32
CA SER A 171 -7.24 5.51 5.84
C SER A 171 -6.98 4.93 4.45
N LYS A 172 -7.53 3.75 4.19
CA LYS A 172 -7.27 3.05 2.94
C LYS A 172 -7.81 3.79 1.73
N ASN A 173 -8.80 4.66 1.90
CA ASN A 173 -9.35 5.41 0.77
C ASN A 173 -8.76 6.81 0.64
N VAL A 174 -8.00 7.30 1.64
CA VAL A 174 -7.42 8.64 1.52
C VAL A 174 -5.93 8.65 1.84
N GLY A 175 -5.58 8.39 3.10
CA GLY A 175 -4.20 8.57 3.52
C GLY A 175 -3.25 7.57 2.87
N MET A 176 -3.64 6.29 2.87
CA MET A 176 -2.74 5.28 2.30
C MET A 176 -2.48 5.53 0.81
N PRO A 177 -3.49 5.71 -0.07
CA PRO A 177 -3.17 5.98 -1.49
C PRO A 177 -2.35 7.23 -1.72
N ILE A 178 -2.60 8.30 -0.94
CA ILE A 178 -1.78 9.51 -1.08
C ILE A 178 -0.32 9.17 -0.83
N ALA A 179 -0.06 8.44 0.26
CA ALA A 179 1.30 8.08 0.61
C ALA A 179 1.92 7.19 -0.46
N MET A 180 1.13 6.29 -1.03
CA MET A 180 1.63 5.42 -2.08
C MET A 180 1.99 6.20 -3.35
N LEU A 181 1.16 7.17 -3.77
CA LEU A 181 1.51 7.94 -4.96
C LEU A 181 2.76 8.78 -4.76
N LEU A 182 2.87 9.46 -3.62
CA LEU A 182 3.97 10.40 -3.50
C LEU A 182 5.33 9.73 -3.34
N HIS A 183 5.39 8.52 -2.81
CA HIS A 183 6.71 7.92 -2.61
C HIS A 183 7.14 7.05 -3.77
N THR A 184 6.28 6.77 -4.73
CA THR A 184 6.60 5.73 -5.69
C THR A 184 7.35 6.26 -6.91
N ASP A 185 7.86 5.30 -7.68
CA ASP A 185 8.84 5.58 -8.73
C ASP A 185 8.21 6.35 -9.90
N GLY A 186 8.87 7.44 -10.30
CA GLY A 186 8.42 8.20 -11.45
C GLY A 186 8.43 7.42 -12.75
N ALA A 187 9.14 6.29 -12.79
CA ALA A 187 9.38 5.60 -14.05
C ALA A 187 8.40 4.45 -14.30
N HIS A 188 7.47 4.20 -13.39
CA HIS A 188 6.57 3.04 -13.51
C HIS A 188 5.34 3.40 -14.34
N GLU A 189 4.59 2.36 -14.73
CA GLU A 189 3.40 2.54 -15.55
C GLU A 189 2.58 3.72 -15.05
N ARG A 190 2.18 3.65 -13.79
CA ARG A 190 1.59 4.81 -13.13
C ARG A 190 2.69 5.47 -12.33
N PRO A 191 3.20 6.62 -12.73
CA PRO A 191 4.34 7.21 -12.04
C PRO A 191 3.94 7.67 -10.65
N GLY A 192 4.94 7.79 -9.78
CA GLY A 192 4.77 8.34 -8.46
C GLY A 192 5.66 9.56 -8.28
N GLY A 193 5.66 10.09 -7.05
CA GLY A 193 6.31 11.36 -6.77
C GLY A 193 7.76 11.29 -6.33
N ASP A 194 8.28 10.08 -6.12
CA ASP A 194 9.67 9.88 -5.75
C ASP A 194 10.06 10.67 -4.50
N ALA A 195 9.12 10.87 -3.58
CA ALA A 195 9.39 11.57 -2.34
C ALA A 195 9.69 10.58 -1.20
N THR A 196 10.24 11.12 -0.12
CA THR A 196 10.46 10.39 1.12
C THR A 196 9.24 10.63 2.01
N VAL A 197 8.48 9.58 2.31
CA VAL A 197 7.14 9.78 2.86
C VAL A 197 7.06 9.16 4.25
N THR A 198 6.62 9.96 5.22
CA THR A 198 6.33 9.54 6.58
C THR A 198 4.83 9.38 6.73
N ILE A 199 4.37 8.17 7.02
CA ILE A 199 2.98 7.92 7.39
C ILE A 199 2.84 8.07 8.90
N SER A 200 1.95 8.97 9.34
CA SER A 200 1.59 9.10 10.74
C SER A 200 0.08 8.93 10.89
N HIS A 201 -0.35 8.71 12.12
CA HIS A 201 -1.73 8.29 12.35
C HIS A 201 -2.07 8.53 13.82
N ARG A 202 -3.19 7.96 14.25
CA ARG A 202 -3.72 8.23 15.57
C ARG A 202 -2.76 7.88 16.70
N TYR A 203 -1.79 6.99 16.49
CA TYR A 203 -0.85 6.62 17.55
C TYR A 203 0.48 7.32 17.43
N THR A 204 0.61 8.23 16.50
CA THR A 204 1.81 9.06 16.46
C THR A 204 1.69 10.10 17.57
N PRO A 205 2.62 10.16 18.51
CA PRO A 205 2.53 11.21 19.54
C PRO A 205 2.78 12.57 18.92
N LYS A 206 1.99 13.56 19.36
CA LYS A 206 2.05 14.89 18.74
C LYS A 206 3.48 15.43 18.71
N GLU A 207 4.29 15.08 19.70
CA GLU A 207 5.68 15.54 19.68
C GLU A 207 6.47 14.87 18.57
N GLN A 208 6.15 13.63 18.25
CA GLN A 208 6.86 12.93 17.17
C GLN A 208 6.41 13.40 15.79
N LEU A 209 5.12 13.69 15.62
CA LEU A 209 4.63 14.29 14.38
C LEU A 209 5.40 15.58 14.06
N LYS A 210 5.56 16.44 15.07
CA LYS A 210 6.32 17.67 14.88
C LYS A 210 7.75 17.40 14.42
N LYS A 211 8.38 16.35 14.96
CA LYS A 211 9.78 16.07 14.64
C LYS A 211 9.97 15.70 13.18
N HIS A 212 8.91 15.25 12.50
CA HIS A 212 8.95 14.90 11.09
C HIS A 212 8.44 16.02 10.19
N THR A 213 7.34 16.68 10.58
CA THR A 213 6.78 17.76 9.77
C THR A 213 7.76 18.90 9.59
N ILE A 214 8.57 19.17 10.62
CA ILE A 214 9.62 20.18 10.54
C ILE A 214 10.60 19.86 9.42
N LEU A 215 10.83 18.58 9.16
CA LEU A 215 11.70 18.20 8.06
C LEU A 215 11.04 18.36 6.70
N ALA A 216 9.72 18.54 6.67
CA ALA A 216 8.93 18.26 5.48
C ALA A 216 8.88 19.46 4.52
N ASP A 217 8.90 19.14 3.23
CA ASP A 217 8.64 20.09 2.16
C ASP A 217 7.19 20.13 1.74
N ILE A 218 6.45 19.06 1.99
CA ILE A 218 5.01 18.99 1.81
C ILE A 218 4.44 18.29 3.03
N VAL A 219 3.43 18.87 3.65
CA VAL A 219 2.67 18.24 4.72
C VAL A 219 1.24 18.07 4.21
N ILE A 220 0.73 16.84 4.26
CA ILE A 220 -0.61 16.54 3.78
C ILE A 220 -1.36 15.94 4.96
N SER A 221 -2.40 16.63 5.42
CA SER A 221 -3.10 16.25 6.62
C SER A 221 -4.47 15.73 6.23
N ALA A 222 -4.71 14.46 6.56
CA ALA A 222 -5.98 13.78 6.28
C ALA A 222 -6.47 13.07 7.52
N ALA A 223 -6.38 13.72 8.68
CA ALA A 223 -6.68 13.06 9.93
C ALA A 223 -8.08 13.33 10.45
N GLY A 224 -8.67 14.47 10.14
CA GLY A 224 -9.97 14.81 10.72
C GLY A 224 -9.91 15.46 12.09
N ILE A 225 -8.90 16.30 12.33
CA ILE A 225 -8.60 16.89 13.63
C ILE A 225 -8.28 18.36 13.46
N PRO A 226 -9.13 19.27 13.94
CA PRO A 226 -8.85 20.70 13.80
C PRO A 226 -7.56 21.09 14.49
N ASN A 227 -6.83 21.98 13.84
CA ASN A 227 -5.59 22.54 14.37
C ASN A 227 -4.56 21.46 14.68
N LEU A 228 -4.74 20.28 14.08
CA LEU A 228 -3.71 19.25 14.15
C LEU A 228 -2.36 19.81 13.68
N ILE A 229 -2.36 20.58 12.60
CA ILE A 229 -1.16 21.16 12.04
C ILE A 229 -1.14 22.63 12.38
N THR A 230 -0.01 23.11 12.90
CA THR A 230 0.13 24.50 13.31
C THR A 230 1.54 24.98 12.94
N ALA A 231 1.67 26.31 12.91
CA ALA A 231 2.80 26.94 12.23
C ALA A 231 4.16 26.50 12.78
N ASP A 232 4.21 26.10 14.05
CA ASP A 232 5.48 25.70 14.66
C ASP A 232 5.98 24.35 14.15
N MET A 233 5.06 23.50 13.68
CA MET A 233 5.45 22.21 13.09
C MET A 233 5.84 22.35 11.62
N ILE A 234 5.68 23.51 11.01
CA ILE A 234 5.82 23.67 9.57
C ILE A 234 7.14 24.35 9.27
N LYS A 235 7.97 23.72 8.45
CA LYS A 235 9.17 24.39 7.97
C LYS A 235 8.77 25.53 7.04
N GLU A 236 9.61 26.56 7.00
CA GLU A 236 9.31 27.78 6.24
C GLU A 236 9.36 27.53 4.74
N GLY A 237 8.35 28.02 4.02
CA GLY A 237 8.27 27.87 2.58
C GLY A 237 7.62 26.58 2.11
N ALA A 238 7.27 25.69 3.03
CA ALA A 238 6.77 24.36 2.69
C ALA A 238 5.31 24.43 2.24
N ALA A 239 4.90 23.37 1.53
CA ALA A 239 3.53 23.24 1.03
C ALA A 239 2.70 22.44 2.02
N VAL A 240 1.53 22.96 2.37
CA VAL A 240 0.64 22.31 3.32
C VAL A 240 -0.71 22.08 2.63
N ILE A 241 -1.06 20.82 2.37
CA ILE A 241 -2.32 20.46 1.69
C ILE A 241 -3.27 19.87 2.73
N ASP A 242 -4.42 20.54 2.91
CA ASP A 242 -5.36 20.21 3.99
C ASP A 242 -6.51 19.37 3.43
N VAL A 243 -6.45 18.05 3.65
CA VAL A 243 -7.48 17.14 3.18
C VAL A 243 -8.66 17.02 4.15
N GLY A 244 -8.53 17.45 5.39
CA GLY A 244 -9.61 17.29 6.35
C GLY A 244 -10.78 18.24 6.12
N ILE A 245 -11.98 17.78 6.47
CA ILE A 245 -13.18 18.62 6.41
C ILE A 245 -13.99 18.39 7.68
N ASN A 246 -13.83 19.27 8.67
CA ASN A 246 -14.33 19.09 10.02
C ASN A 246 -15.44 20.09 10.36
N ARG A 247 -16.57 19.60 10.87
CA ARG A 247 -17.66 20.46 11.37
C ARG A 247 -17.35 20.94 12.80
N VAL A 248 -17.20 22.25 12.99
CA VAL A 248 -16.98 22.83 14.30
C VAL A 248 -17.90 24.03 14.48
N HIS A 249 -17.82 24.65 15.67
CA HIS A 249 -18.64 25.79 16.03
C HIS A 249 -17.80 27.02 16.38
N LYS A 255 -22.43 28.89 16.40
CA LYS A 255 -22.89 28.62 15.04
C LYS A 255 -21.97 27.61 14.33
N PRO A 256 -22.54 26.83 13.39
CA PRO A 256 -21.75 25.81 12.69
C PRO A 256 -20.82 26.38 11.63
N LYS A 257 -19.57 25.92 11.61
CA LYS A 257 -18.53 26.33 10.65
C LYS A 257 -17.82 25.09 10.08
N LEU A 258 -16.82 25.34 9.23
CA LEU A 258 -16.06 24.27 8.56
C LEU A 258 -14.57 24.61 8.54
N VAL A 259 -13.73 23.69 9.01
CA VAL A 259 -12.29 23.89 9.01
C VAL A 259 -11.63 22.62 8.48
N GLY A 260 -10.34 22.75 8.16
CA GLY A 260 -9.50 21.61 7.91
C GLY A 260 -8.74 21.18 9.16
N ASP A 261 -7.73 20.34 8.96
CA ASP A 261 -6.81 19.96 10.01
C ASP A 261 -5.79 21.04 10.30
N VAL A 262 -5.64 22.01 9.42
CA VAL A 262 -4.57 22.99 9.47
C VAL A 262 -5.08 24.25 10.16
N ASP A 263 -4.27 24.81 11.04
CA ASP A 263 -4.57 26.14 11.56
C ASP A 263 -4.31 27.15 10.44
N PHE A 264 -5.32 27.40 9.63
CA PHE A 264 -5.11 28.08 8.36
C PHE A 264 -4.42 29.42 8.56
N GLU A 265 -4.95 30.25 9.48
CA GLU A 265 -4.43 31.60 9.67
C GLU A 265 -2.98 31.58 10.14
N GLY A 266 -2.67 30.74 11.13
CA GLY A 266 -1.30 30.67 11.61
C GLY A 266 -0.34 30.09 10.59
N VAL A 267 -0.74 28.99 9.92
CA VAL A 267 0.18 28.32 9.00
C VAL A 267 0.39 29.18 7.76
N ARG A 268 -0.63 29.94 7.37
CA ARG A 268 -0.61 30.97 6.33
C ARG A 268 0.66 31.82 6.36
N GLN A 269 1.11 32.18 7.57
CA GLN A 269 2.26 33.07 7.75
C GLN A 269 3.60 32.36 7.66
N LYS A 270 3.64 31.03 7.70
CA LYS A 270 4.91 30.30 7.62
C LYS A 270 5.02 29.36 6.43
N ALA A 271 3.92 28.83 5.91
CA ALA A 271 4.01 28.00 4.72
C ALA A 271 4.38 28.83 3.48
N GLY A 272 4.92 28.16 2.47
CA GLY A 272 5.02 28.76 1.17
C GLY A 272 3.75 28.60 0.34
N TYR A 273 3.00 27.52 0.59
CA TYR A 273 1.74 27.21 -0.08
C TYR A 273 0.79 26.62 0.95
N ILE A 274 -0.51 26.71 0.65
CA ILE A 274 -1.52 26.31 1.60
C ILE A 274 -2.80 26.08 0.83
N THR A 275 -3.61 25.14 1.33
CA THR A 275 -4.92 24.82 0.79
C THR A 275 -6.01 25.25 1.77
N PRO A 276 -6.99 26.02 1.35
CA PRO A 276 -8.08 26.39 2.25
C PRO A 276 -9.09 25.26 2.40
N VAL A 277 -9.86 25.35 3.48
CA VAL A 277 -11.05 24.55 3.66
C VAL A 277 -12.14 25.52 4.13
N PRO A 278 -13.27 25.63 3.43
CA PRO A 278 -13.53 24.87 2.20
C PRO A 278 -12.86 25.43 0.93
N GLY A 279 -13.22 24.90 -0.24
CA GLY A 279 -12.66 25.36 -1.50
C GLY A 279 -11.26 24.90 -1.83
N GLY A 280 -10.73 23.91 -1.11
CA GLY A 280 -9.41 23.35 -1.40
C GLY A 280 -9.48 21.95 -2.00
N VAL A 281 -9.12 20.93 -1.20
CA VAL A 281 -9.07 19.56 -1.69
C VAL A 281 -10.47 19.05 -2.08
N GLY A 282 -11.51 19.49 -1.35
CA GLY A 282 -12.87 19.09 -1.63
C GLY A 282 -13.28 19.17 -3.09
N PRO A 283 -13.29 20.38 -3.67
CA PRO A 283 -13.68 20.50 -5.10
C PRO A 283 -12.78 19.71 -6.04
N MET A 284 -11.49 19.57 -5.71
CA MET A 284 -10.62 18.73 -6.50
C MET A 284 -11.07 17.26 -6.52
N THR A 285 -11.63 16.74 -5.43
CA THR A 285 -12.15 15.37 -5.44
C THR A 285 -13.23 15.23 -6.50
N VAL A 286 -14.14 16.19 -6.56
CA VAL A 286 -15.23 16.09 -7.53
C VAL A 286 -14.70 16.12 -8.95
N ALA A 287 -13.67 16.95 -9.19
CA ALA A 287 -13.12 17.09 -10.54
C ALA A 287 -12.52 15.78 -11.03
N MET A 288 -11.65 15.17 -10.20
CA MET A 288 -10.98 13.94 -10.60
C MET A 288 -11.97 12.79 -10.79
N LEU A 289 -13.08 12.81 -10.05
CA LEU A 289 -14.12 11.82 -10.29
C LEU A 289 -14.70 11.95 -11.70
N MET A 290 -14.90 13.19 -12.17
CA MET A 290 -15.35 13.40 -13.56
C MET A 290 -14.33 12.88 -14.56
N LYS A 291 -13.03 13.11 -14.32
CA LYS A 291 -12.00 12.49 -15.15
C LYS A 291 -12.09 10.97 -15.14
N ASN A 292 -12.31 10.36 -13.96
CA ASN A 292 -12.40 8.89 -13.91
C ASN A 292 -13.59 8.38 -14.68
N THR A 293 -14.70 9.13 -14.66
CA THR A 293 -15.90 8.70 -15.36
C THR A 293 -15.72 8.71 -16.87
N ILE A 294 -15.06 9.74 -17.42
CA ILE A 294 -14.82 9.72 -18.88
C ILE A 294 -13.81 8.63 -19.23
N ILE A 295 -12.81 8.42 -18.35
CA ILE A 295 -11.90 7.28 -18.52
C ILE A 295 -12.65 5.96 -18.48
N ALA A 296 -13.65 5.82 -17.59
CA ALA A 296 -14.39 4.57 -17.52
C ALA A 296 -15.30 4.39 -18.73
N ALA A 297 -15.99 5.47 -19.14
CA ALA A 297 -16.84 5.43 -20.33
C ALA A 297 -16.05 5.05 -21.57
N LYS A 298 -14.80 5.51 -21.67
CA LYS A 298 -14.00 5.14 -22.83
C LYS A 298 -13.54 3.69 -22.78
N LYS A 299 -13.57 3.03 -21.62
CA LYS A 299 -13.05 1.68 -21.45
C LYS A 299 -11.58 1.61 -21.86
N VAL A 300 -10.74 2.33 -21.12
CA VAL A 300 -9.31 2.37 -21.39
C VAL A 300 -8.50 1.39 -20.53
N LEU A 301 -9.02 0.98 -19.37
CA LEU A 301 -8.27 0.08 -18.49
C LEU A 301 -8.72 -1.37 -18.66
N GLU B 5 26.29 -3.00 25.19
CA GLU B 5 26.49 -3.28 23.76
C GLU B 5 25.32 -4.09 23.14
N ALA B 6 25.28 -4.14 21.80
CA ALA B 6 24.05 -4.49 21.08
C ALA B 6 23.73 -5.99 21.13
N VAL B 7 22.52 -6.31 21.60
CA VAL B 7 21.98 -7.66 21.44
C VAL B 7 21.96 -8.04 19.97
N VAL B 8 22.48 -9.23 19.66
CA VAL B 8 22.47 -9.74 18.29
C VAL B 8 21.35 -10.77 18.20
N ILE B 9 20.27 -10.41 17.51
CA ILE B 9 19.13 -11.30 17.38
C ILE B 9 19.49 -12.44 16.45
N SER B 10 19.25 -13.67 16.90
CA SER B 10 19.60 -14.86 16.12
C SER B 10 18.46 -15.19 15.19
N GLY B 11 18.66 -14.95 13.90
CA GLY B 11 17.64 -15.32 12.93
C GLY B 11 17.44 -16.82 12.88
N ARG B 12 18.52 -17.57 13.04
CA ARG B 12 18.42 -19.02 12.97
C ARG B 12 17.60 -19.59 14.12
N LYS B 13 17.73 -19.02 15.33
CA LYS B 13 17.03 -19.57 16.49
C LYS B 13 15.54 -19.25 16.47
N LEU B 14 15.14 -18.06 16.01
CA LEU B 14 13.71 -17.74 15.90
C LEU B 14 13.04 -18.60 14.82
N ALA B 15 13.71 -18.81 13.69
CA ALA B 15 13.08 -19.58 12.64
C ALA B 15 12.94 -21.03 13.05
N GLN B 16 13.85 -21.50 13.90
CA GLN B 16 13.77 -22.82 14.50
C GLN B 16 12.47 -23.01 15.25
N GLN B 17 12.08 -22.00 16.04
CA GLN B 17 10.82 -22.08 16.79
C GLN B 17 9.62 -22.06 15.86
N ILE B 18 9.60 -21.09 14.95
CA ILE B 18 8.53 -20.98 13.97
C ILE B 18 8.39 -22.29 13.22
N LYS B 19 9.51 -22.85 12.78
CA LYS B 19 9.47 -24.13 12.07
C LYS B 19 8.93 -25.24 12.96
N GLN B 20 9.27 -25.22 14.26
CA GLN B 20 8.72 -26.24 15.16
C GLN B 20 7.22 -26.06 15.35
N GLU B 21 6.75 -24.82 15.46
CA GLU B 21 5.32 -24.58 15.46
C GLU B 21 4.66 -25.19 14.23
N VAL B 22 5.31 -25.08 13.05
CA VAL B 22 4.70 -25.56 11.80
C VAL B 22 4.67 -27.08 11.75
N ARG B 23 5.77 -27.73 12.14
CA ARG B 23 5.79 -29.19 12.21
C ARG B 23 4.70 -29.69 13.14
N GLN B 24 4.49 -28.99 14.26
CA GLN B 24 3.41 -29.34 15.18
C GLN B 24 2.05 -29.24 14.50
N GLU B 25 1.82 -28.12 13.81
CA GLU B 25 0.53 -27.86 13.18
C GLU B 25 0.27 -28.79 12.02
N VAL B 26 1.32 -29.11 11.25
CA VAL B 26 1.17 -30.03 10.14
C VAL B 26 0.91 -31.44 10.66
N GLU B 27 1.60 -31.84 11.72
CA GLU B 27 1.36 -33.17 12.29
C GLU B 27 -0.06 -33.31 12.82
N GLU B 28 -0.54 -32.31 13.59
CA GLU B 28 -1.94 -32.32 14.04
C GLU B 28 -2.88 -32.38 12.85
N TRP B 29 -2.61 -31.58 11.83
CA TRP B 29 -3.45 -31.54 10.65
C TRP B 29 -3.50 -32.91 9.95
N VAL B 30 -2.35 -33.59 9.86
CA VAL B 30 -2.35 -34.91 9.23
C VAL B 30 -3.05 -35.94 10.11
N ALA B 31 -2.76 -35.92 11.42
CA ALA B 31 -3.32 -36.93 12.33
C ALA B 31 -4.85 -36.93 12.28
N SER B 32 -5.45 -35.76 12.16
CA SER B 32 -6.90 -35.68 12.08
C SER B 32 -7.42 -36.03 10.70
N GLY B 33 -6.62 -36.68 9.86
CA GLY B 33 -7.10 -37.32 8.66
C GLY B 33 -6.83 -36.59 7.36
N ASN B 34 -6.32 -35.35 7.40
CA ASN B 34 -6.21 -34.57 6.18
C ASN B 34 -4.95 -34.94 5.39
N LYS B 35 -4.92 -34.49 4.14
CA LYS B 35 -3.79 -34.71 3.25
C LYS B 35 -2.56 -33.92 3.71
N ARG B 36 -1.39 -34.53 3.55
CA ARG B 36 -0.15 -33.83 3.90
C ARG B 36 0.06 -32.63 2.95
N PRO B 37 0.54 -31.50 3.48
CA PRO B 37 0.79 -30.35 2.60
C PRO B 37 1.83 -30.64 1.53
N HIS B 38 1.62 -30.06 0.35
CA HIS B 38 2.59 -30.17 -0.73
C HIS B 38 2.94 -28.78 -1.25
N LEU B 39 4.24 -28.47 -1.35
CA LEU B 39 4.72 -27.22 -1.91
C LEU B 39 5.49 -27.48 -3.21
N SER B 40 5.09 -26.79 -4.28
CA SER B 40 5.84 -26.82 -5.53
C SER B 40 6.60 -25.51 -5.70
N VAL B 41 7.90 -25.62 -5.95
CA VAL B 41 8.75 -24.48 -6.27
C VAL B 41 9.19 -24.60 -7.73
N ILE B 42 8.96 -23.56 -8.50
CA ILE B 42 9.51 -23.47 -9.85
C ILE B 42 10.75 -22.59 -9.82
N LEU B 43 11.83 -23.08 -10.40
CA LEU B 43 13.10 -22.38 -10.40
C LEU B 43 13.56 -22.30 -11.86
N VAL B 44 13.99 -21.11 -12.28
CA VAL B 44 14.34 -20.85 -13.67
C VAL B 44 15.81 -20.42 -13.75
N GLY B 45 16.58 -21.07 -14.63
CA GLY B 45 17.97 -20.67 -14.82
C GLY B 45 18.88 -21.11 -13.69
N GLU B 46 20.02 -20.42 -13.58
CA GLU B 46 21.10 -20.91 -12.73
C GLU B 46 21.67 -19.83 -11.82
N ASN B 47 20.87 -18.87 -11.39
CA ASN B 47 21.34 -17.91 -10.39
C ASN B 47 21.74 -18.66 -9.12
N PRO B 48 23.00 -18.61 -8.69
CA PRO B 48 23.42 -19.45 -7.56
C PRO B 48 22.76 -19.08 -6.24
N ALA B 49 22.41 -17.82 -6.03
CA ALA B 49 21.69 -17.44 -4.82
C ALA B 49 20.27 -17.98 -4.84
N SER B 50 19.64 -17.99 -6.02
CA SER B 50 18.31 -18.57 -6.16
C SER B 50 18.29 -20.04 -5.76
N HIS B 51 19.24 -20.83 -6.26
CA HIS B 51 19.24 -22.26 -5.97
C HIS B 51 19.51 -22.50 -4.50
N SER B 52 20.44 -21.72 -3.91
CA SER B 52 20.66 -21.78 -2.48
C SER B 52 19.35 -21.59 -1.73
N TYR B 53 18.63 -20.52 -2.05
CA TYR B 53 17.45 -20.17 -1.28
C TYR B 53 16.35 -21.21 -1.45
N VAL B 54 16.16 -21.68 -2.68
CA VAL B 54 15.18 -22.73 -2.92
C VAL B 54 15.56 -24.01 -2.16
N LEU B 55 16.84 -24.37 -2.20
CA LEU B 55 17.30 -25.53 -1.44
C LEU B 55 17.03 -25.37 0.05
N ASN B 56 17.32 -24.18 0.60
CA ASN B 56 16.97 -23.93 1.99
C ASN B 56 15.47 -24.09 2.21
N LYS B 57 14.69 -23.69 1.20
CA LYS B 57 13.24 -23.74 1.36
C LYS B 57 12.73 -25.18 1.43
N THR B 58 13.17 -26.04 0.49
CA THR B 58 12.73 -27.42 0.49
C THR B 58 13.35 -28.22 1.65
N ARG B 59 14.57 -27.87 2.08
CA ARG B 59 15.10 -28.48 3.29
C ARG B 59 14.22 -28.19 4.49
N ALA B 60 13.74 -26.95 4.61
CA ALA B 60 12.89 -26.64 5.75
C ALA B 60 11.53 -27.30 5.63
N ALA B 61 11.01 -27.43 4.40
CA ALA B 61 9.73 -28.10 4.21
C ALA B 61 9.79 -29.55 4.65
N ALA B 62 10.90 -30.23 4.39
CA ALA B 62 10.98 -31.66 4.69
C ALA B 62 11.00 -31.90 6.20
N VAL B 63 11.70 -31.05 6.96
CA VAL B 63 11.77 -31.25 8.40
C VAL B 63 10.51 -30.82 9.13
N VAL B 64 9.58 -30.12 8.47
CA VAL B 64 8.33 -29.77 9.13
C VAL B 64 7.17 -30.56 8.57
N GLY B 65 7.43 -31.63 7.82
CA GLY B 65 6.37 -32.50 7.37
C GLY B 65 5.67 -32.08 6.09
N ILE B 66 6.17 -31.08 5.38
CA ILE B 66 5.56 -30.65 4.11
C ILE B 66 6.32 -31.29 2.94
N ASN B 67 5.60 -32.01 2.08
CA ASN B 67 6.23 -32.52 0.86
C ASN B 67 6.55 -31.37 -0.09
N SER B 68 7.47 -31.63 -1.01
CA SER B 68 7.88 -30.55 -1.88
C SER B 68 8.60 -31.11 -3.07
N GLU B 69 8.51 -30.36 -4.17
CA GLU B 69 9.30 -30.62 -5.37
C GLU B 69 9.83 -29.28 -5.89
N THR B 70 11.10 -29.27 -6.23
CA THR B 70 11.64 -28.20 -7.06
C THR B 70 11.53 -28.62 -8.52
N ILE B 71 10.94 -27.77 -9.33
CA ILE B 71 10.88 -27.96 -10.78
C ILE B 71 11.82 -26.94 -11.42
N MET B 72 12.89 -27.40 -12.03
CA MET B 72 13.85 -26.52 -12.66
C MET B 72 13.68 -26.54 -14.18
N LYS B 73 13.74 -25.35 -14.75
CA LYS B 73 13.66 -25.10 -16.18
C LYS B 73 14.82 -24.21 -16.55
N PRO B 74 15.30 -24.31 -17.79
CA PRO B 74 16.41 -23.43 -18.23
C PRO B 74 15.97 -21.97 -18.35
N ALA B 75 16.97 -21.09 -18.24
CA ALA B 75 16.74 -19.67 -18.48
C ALA B 75 16.09 -19.42 -19.85
N SER B 76 16.44 -20.20 -20.87
CA SER B 76 15.91 -20.05 -22.22
C SER B 76 14.42 -20.38 -22.32
N ILE B 77 13.77 -20.64 -21.19
CA ILE B 77 12.37 -21.04 -21.25
C ILE B 77 11.57 -19.83 -21.70
N SER B 78 10.43 -20.08 -22.33
CA SER B 78 9.54 -19.05 -22.86
C SER B 78 8.40 -18.76 -21.88
N GLU B 79 7.97 -17.50 -21.84
CA GLU B 79 6.92 -17.12 -20.91
C GLU B 79 5.65 -17.92 -21.13
N GLU B 80 5.37 -18.29 -22.36
CA GLU B 80 4.19 -19.09 -22.60
C GLU B 80 4.35 -20.47 -21.98
N GLU B 81 5.57 -21.04 -22.02
CA GLU B 81 5.80 -22.38 -21.48
C GLU B 81 5.74 -22.39 -19.96
N LEU B 82 6.28 -21.35 -19.31
CA LEU B 82 6.13 -21.23 -17.86
C LEU B 82 4.66 -21.10 -17.48
N LEU B 83 3.89 -20.35 -18.25
CA LEU B 83 2.47 -20.23 -17.99
C LEU B 83 1.78 -21.58 -18.11
N ASN B 84 2.22 -22.42 -19.05
CA ASN B 84 1.64 -23.76 -19.12
C ASN B 84 1.87 -24.52 -17.83
N LEU B 85 3.14 -24.56 -17.39
CA LEU B 85 3.52 -25.31 -16.20
C LEU B 85 2.76 -24.81 -14.97
N ILE B 86 2.58 -23.49 -14.85
CA ILE B 86 1.88 -22.91 -13.71
C ILE B 86 0.41 -23.29 -13.73
N ASN B 87 -0.21 -23.27 -14.91
CA ASN B 87 -1.60 -23.66 -15.01
C ASN B 87 -1.80 -25.13 -14.69
N LYS B 88 -0.87 -25.99 -15.14
CA LYS B 88 -0.96 -27.41 -14.79
C LYS B 88 -0.89 -27.62 -13.28
N LEU B 89 0.02 -26.90 -12.60
CA LEU B 89 0.14 -27.02 -11.15
C LEU B 89 -1.06 -26.43 -10.43
N ASN B 90 -1.62 -25.34 -10.96
CA ASN B 90 -2.85 -24.80 -10.36
C ASN B 90 -3.95 -25.84 -10.30
N ASN B 91 -3.95 -26.78 -11.27
CA ASN B 91 -4.98 -27.80 -11.39
C ASN B 91 -4.54 -29.16 -10.89
N ASP B 92 -3.35 -29.27 -10.30
CA ASP B 92 -2.89 -30.49 -9.64
C ASP B 92 -3.40 -30.43 -8.21
N ASP B 93 -4.39 -31.29 -7.90
CA ASP B 93 -5.07 -31.28 -6.61
C ASP B 93 -4.14 -31.65 -5.47
N ASN B 94 -2.98 -32.24 -5.77
CA ASN B 94 -2.00 -32.51 -4.71
C ASN B 94 -1.24 -31.26 -4.29
N VAL B 95 -1.05 -30.30 -5.20
CA VAL B 95 -0.24 -29.11 -4.94
C VAL B 95 -1.07 -28.09 -4.17
N ASP B 96 -0.63 -27.77 -2.94
CA ASP B 96 -1.29 -26.77 -2.10
C ASP B 96 -0.65 -25.40 -2.24
N GLY B 97 0.67 -25.37 -2.32
CA GLY B 97 1.40 -24.13 -2.44
C GLY B 97 2.23 -24.21 -3.71
N LEU B 98 2.23 -23.11 -4.47
CA LEU B 98 2.98 -23.00 -5.70
C LEU B 98 3.69 -21.66 -5.67
N LEU B 99 4.99 -21.64 -5.95
CA LEU B 99 5.72 -20.39 -5.99
C LEU B 99 6.82 -20.48 -7.05
N VAL B 100 7.05 -19.33 -7.71
CA VAL B 100 8.02 -19.19 -8.79
C VAL B 100 9.14 -18.31 -8.27
N GLN B 101 10.34 -18.87 -8.13
CA GLN B 101 11.44 -18.13 -7.54
C GLN B 101 11.88 -17.01 -8.49
N LEU B 102 12.06 -15.81 -7.94
CA LEU B 102 12.55 -14.57 -8.52
C LEU B 102 14.04 -14.39 -8.23
N PRO B 103 14.79 -13.72 -9.12
CA PRO B 103 14.29 -13.08 -10.36
C PRO B 103 14.13 -14.01 -11.54
N LEU B 104 13.27 -13.62 -12.46
CA LEU B 104 13.07 -14.34 -13.71
C LEU B 104 13.90 -13.70 -14.80
N PRO B 105 14.23 -14.42 -15.88
CA PRO B 105 15.02 -13.82 -16.96
C PRO B 105 14.30 -12.63 -17.57
N GLU B 106 15.10 -11.71 -18.14
CA GLU B 106 14.60 -10.41 -18.57
C GLU B 106 13.47 -10.49 -19.60
N HIS B 107 13.37 -11.59 -20.36
CA HIS B 107 12.35 -11.71 -21.39
C HIS B 107 11.01 -12.22 -20.86
N ILE B 108 10.85 -12.34 -19.54
CA ILE B 108 9.63 -12.88 -18.95
C ILE B 108 9.03 -11.83 -18.03
N ASP B 109 7.73 -11.58 -18.18
CA ASP B 109 7.06 -10.56 -17.37
C ASP B 109 6.78 -11.17 -16.00
N GLU B 110 7.61 -10.81 -15.01
CA GLU B 110 7.44 -11.35 -13.67
C GLU B 110 6.04 -11.08 -13.13
N ARG B 111 5.52 -9.88 -13.36
CA ARG B 111 4.19 -9.58 -12.85
C ARG B 111 3.15 -10.52 -13.45
N ARG B 112 3.25 -10.80 -14.75
CA ARG B 112 2.29 -11.70 -15.38
C ARG B 112 2.45 -13.13 -14.87
N ILE B 113 3.66 -13.53 -14.50
CA ILE B 113 3.88 -14.86 -13.93
C ILE B 113 3.27 -14.95 -12.53
N CYS B 114 3.48 -13.92 -11.70
CA CYS B 114 2.93 -13.90 -10.35
C CYS B 114 1.40 -13.96 -10.37
N ASN B 115 0.76 -13.21 -11.27
CA ASN B 115 -0.70 -13.26 -11.31
C ASN B 115 -1.21 -14.56 -11.90
N ALA B 116 -0.33 -15.34 -12.52
CA ALA B 116 -0.74 -16.63 -13.09
C ALA B 116 -1.01 -17.67 -12.00
N VAL B 117 -0.24 -17.64 -10.90
CA VAL B 117 -0.47 -18.58 -9.81
C VAL B 117 -1.83 -18.29 -9.17
N SER B 118 -2.62 -19.34 -8.97
CA SER B 118 -3.94 -19.10 -8.40
C SER B 118 -3.80 -18.61 -6.96
N PRO B 119 -4.57 -17.60 -6.56
CA PRO B 119 -4.35 -16.97 -5.26
C PRO B 119 -4.40 -17.93 -4.09
N ASP B 120 -5.24 -18.96 -4.14
CA ASP B 120 -5.27 -19.92 -3.05
C ASP B 120 -3.99 -20.74 -2.97
N LYS B 121 -3.16 -20.75 -4.01
CA LYS B 121 -1.86 -21.40 -3.96
C LYS B 121 -0.72 -20.39 -3.85
N ASP B 122 -1.03 -19.09 -3.85
CA ASP B 122 -0.04 -18.03 -3.85
C ASP B 122 0.60 -17.89 -2.49
N VAL B 123 1.41 -18.89 -2.07
CA VAL B 123 2.11 -18.83 -0.79
C VAL B 123 3.11 -17.69 -0.71
N ASP B 124 3.43 -17.07 -1.86
CA ASP B 124 4.28 -15.90 -1.84
C ASP B 124 3.53 -14.63 -1.46
N GLY B 125 2.21 -14.60 -1.62
CA GLY B 125 1.47 -13.35 -1.48
C GLY B 125 1.71 -12.36 -2.60
N PHE B 126 2.03 -12.83 -3.82
CA PHE B 126 2.44 -11.95 -4.91
C PHE B 126 1.36 -11.70 -5.95
N HIS B 127 0.35 -12.58 -6.03
CA HIS B 127 -0.79 -12.32 -6.87
C HIS B 127 -1.46 -11.00 -6.48
N VAL B 128 -1.92 -10.25 -7.50
CA VAL B 128 -2.41 -8.88 -7.30
C VAL B 128 -3.52 -8.83 -6.25
N ILE B 129 -4.36 -9.87 -6.18
CA ILE B 129 -5.45 -9.84 -5.19
C ILE B 129 -4.89 -9.90 -3.79
N ASN B 130 -3.82 -10.69 -3.59
CA ASN B 130 -3.17 -10.74 -2.28
C ASN B 130 -2.46 -9.44 -1.95
N VAL B 131 -1.87 -8.78 -2.96
CA VAL B 131 -1.25 -7.48 -2.70
C VAL B 131 -2.30 -6.48 -2.27
N GLY B 132 -3.44 -6.46 -2.95
CA GLY B 132 -4.51 -5.54 -2.58
C GLY B 132 -5.10 -5.83 -1.20
N ARG B 133 -5.37 -7.10 -0.91
CA ARG B 133 -5.92 -7.42 0.40
C ARG B 133 -4.94 -7.02 1.51
N MET B 134 -3.65 -7.26 1.30
CA MET B 134 -2.67 -6.83 2.29
C MET B 134 -2.70 -5.34 2.47
N CYS B 135 -2.77 -4.59 1.36
CA CYS B 135 -2.78 -3.13 1.43
C CYS B 135 -4.07 -2.58 2.01
N LEU B 136 -5.13 -3.41 2.08
CA LEU B 136 -6.36 -3.06 2.80
C LEU B 136 -6.40 -3.61 4.24
N ASP B 137 -5.33 -4.23 4.72
CA ASP B 137 -5.31 -4.84 6.07
C ASP B 137 -6.35 -5.95 6.21
N GLN B 138 -6.54 -6.73 5.16
CA GLN B 138 -7.42 -7.89 5.18
C GLN B 138 -6.62 -9.17 5.34
N TYR B 139 -7.31 -10.25 5.72
CA TYR B 139 -6.67 -11.57 5.78
C TYR B 139 -6.04 -11.89 4.43
N SER B 140 -4.73 -12.17 4.44
CA SER B 140 -4.01 -12.44 3.21
C SER B 140 -2.85 -13.38 3.47
N MET B 141 -2.32 -13.96 2.40
CA MET B 141 -0.98 -14.54 2.43
C MET B 141 0.02 -13.39 2.50
N LEU B 142 0.73 -13.28 3.59
CA LEU B 142 1.73 -12.23 3.67
C LEU B 142 3.01 -12.69 3.00
N PRO B 143 3.69 -11.83 2.25
CA PRO B 143 4.96 -12.23 1.66
C PRO B 143 5.99 -12.58 2.73
N ALA B 144 6.86 -13.54 2.38
CA ALA B 144 7.64 -14.25 3.40
C ALA B 144 8.71 -13.36 4.03
N THR B 145 9.50 -12.64 3.22
CA THR B 145 10.48 -11.73 3.80
C THR B 145 9.83 -10.61 4.60
N PRO B 146 8.79 -9.91 4.10
CA PRO B 146 8.11 -8.94 4.99
C PRO B 146 7.57 -9.56 6.27
N TRP B 147 6.91 -10.72 6.20
CA TRP B 147 6.42 -11.32 7.44
C TRP B 147 7.56 -11.73 8.36
N GLY B 148 8.63 -12.29 7.79
CA GLY B 148 9.81 -12.58 8.59
C GLY B 148 10.35 -11.38 9.34
N VAL B 149 10.44 -10.22 8.67
CA VAL B 149 10.92 -9.02 9.35
C VAL B 149 10.00 -8.67 10.52
N TRP B 150 8.69 -8.79 10.31
CA TRP B 150 7.74 -8.50 11.37
C TRP B 150 7.93 -9.45 12.53
N GLU B 151 7.99 -10.76 12.24
CA GLU B 151 8.11 -11.77 13.31
C GLU B 151 9.37 -11.56 14.13
N ILE B 152 10.47 -11.16 13.49
CA ILE B 152 11.67 -10.81 14.24
C ILE B 152 11.34 -9.74 15.26
N ILE B 153 10.58 -8.72 14.86
CA ILE B 153 10.31 -7.62 15.77
C ILE B 153 9.38 -8.06 16.89
N LYS B 154 8.26 -8.71 16.53
CA LYS B 154 7.29 -9.12 17.53
C LYS B 154 7.89 -10.12 18.51
N ARG B 155 8.55 -11.16 18.01
CA ARG B 155 9.00 -12.22 18.88
C ARG B 155 10.17 -11.75 19.76
N THR B 156 10.98 -10.81 19.28
CA THR B 156 11.96 -10.20 20.18
C THR B 156 11.31 -9.22 21.15
N GLY B 157 10.02 -8.90 20.99
CA GLY B 157 9.37 -8.02 21.95
C GLY B 157 9.77 -6.57 21.83
N ILE B 158 10.31 -6.17 20.68
CA ILE B 158 10.60 -4.77 20.39
C ILE B 158 9.27 -4.09 20.10
N PRO B 159 8.91 -3.06 20.86
CA PRO B 159 7.62 -2.40 20.63
C PRO B 159 7.62 -1.61 19.33
N THR B 160 6.44 -1.52 18.72
CA THR B 160 6.26 -0.74 17.51
C THR B 160 5.19 0.34 17.62
N LEU B 161 4.17 0.16 18.48
CA LEU B 161 3.03 1.08 18.51
C LEU B 161 3.51 2.44 19.00
N GLY B 162 3.37 3.46 18.15
CA GLY B 162 3.79 4.80 18.49
C GLY B 162 5.25 5.09 18.27
N LYS B 163 6.01 4.18 17.65
CA LYS B 163 7.44 4.37 17.52
C LYS B 163 7.83 4.78 16.10
N ASN B 164 8.96 5.46 16.01
CA ASN B 164 9.50 5.91 14.73
C ASN B 164 10.22 4.76 14.04
N VAL B 165 9.80 4.45 12.82
CA VAL B 165 10.42 3.42 12.01
C VAL B 165 10.75 3.99 10.64
N VAL B 166 11.99 3.78 10.18
CA VAL B 166 12.41 4.09 8.82
C VAL B 166 12.62 2.78 8.05
N VAL B 167 12.11 2.72 6.82
CA VAL B 167 12.38 1.61 5.90
C VAL B 167 13.18 2.18 4.72
N ALA B 168 14.30 1.53 4.40
CA ALA B 168 15.14 1.92 3.25
C ALA B 168 14.88 0.93 2.11
N GLY B 169 14.09 1.37 1.14
CA GLY B 169 13.66 0.52 0.06
C GLY B 169 12.16 0.57 -0.13
N ARG B 170 11.71 0.52 -1.39
CA ARG B 170 10.29 0.55 -1.67
C ARG B 170 9.88 -0.57 -2.62
N SER B 171 10.69 -1.62 -2.73
CA SER B 171 10.36 -2.66 -3.70
C SER B 171 9.02 -3.30 -3.35
N LYS B 172 8.25 -3.61 -4.39
CA LYS B 172 6.89 -4.13 -4.19
C LYS B 172 6.88 -5.41 -3.35
N ASN B 173 7.95 -6.19 -3.41
CA ASN B 173 7.98 -7.51 -2.79
C ASN B 173 8.59 -7.50 -1.40
N VAL B 174 9.42 -6.51 -1.07
CA VAL B 174 10.06 -6.48 0.24
C VAL B 174 9.80 -5.15 0.95
N GLY B 175 10.33 -4.06 0.38
CA GLY B 175 10.31 -2.78 1.09
C GLY B 175 8.91 -2.24 1.31
N MET B 176 8.07 -2.27 0.26
CA MET B 176 6.71 -1.74 0.41
C MET B 176 5.87 -2.55 1.39
N PRO B 177 5.74 -3.89 1.29
CA PRO B 177 4.95 -4.61 2.32
C PRO B 177 5.47 -4.46 3.74
N ILE B 178 6.80 -4.35 3.93
CA ILE B 178 7.31 -4.06 5.28
C ILE B 178 6.74 -2.76 5.81
N ALA B 179 6.80 -1.71 5.00
CA ALA B 179 6.23 -0.41 5.40
C ALA B 179 4.73 -0.51 5.65
N MET B 180 4.02 -1.32 4.85
CA MET B 180 2.58 -1.47 5.05
C MET B 180 2.27 -2.19 6.37
N LEU B 181 2.91 -3.33 6.61
CA LEU B 181 2.65 -4.04 7.86
C LEU B 181 2.96 -3.16 9.06
N LEU B 182 4.01 -2.37 8.98
CA LEU B 182 4.48 -1.70 10.19
C LEU B 182 3.68 -0.44 10.56
N HIS B 183 3.11 0.29 9.59
CA HIS B 183 2.36 1.50 9.94
C HIS B 183 0.88 1.24 10.23
N THR B 184 0.36 0.06 9.92
CA THR B 184 -1.07 -0.15 9.89
C THR B 184 -1.62 -0.49 11.27
N ASP B 185 -2.94 -0.63 11.31
CA ASP B 185 -3.72 -0.58 12.54
C ASP B 185 -3.77 -1.96 13.18
N GLY B 186 -3.34 -2.03 14.45
CA GLY B 186 -3.31 -3.28 15.19
C GLY B 186 -4.67 -3.95 15.32
N ALA B 187 -5.77 -3.19 15.15
CA ALA B 187 -7.10 -3.74 15.37
C ALA B 187 -7.77 -4.28 14.10
N HIS B 188 -7.10 -4.28 12.95
CA HIS B 188 -7.70 -4.71 11.69
C HIS B 188 -7.49 -6.22 11.47
N GLU B 189 -8.28 -6.78 10.54
CA GLU B 189 -8.25 -8.23 10.25
C GLU B 189 -6.84 -8.77 10.23
N ARG B 190 -5.98 -8.18 9.42
CA ARG B 190 -4.56 -8.45 9.56
C ARG B 190 -3.96 -7.29 10.34
N PRO B 191 -3.55 -7.51 11.57
CA PRO B 191 -3.04 -6.40 12.40
C PRO B 191 -1.77 -5.86 11.81
N GLY B 192 -1.51 -4.59 12.10
CA GLY B 192 -0.23 -3.97 11.85
C GLY B 192 0.42 -3.48 13.13
N GLY B 193 1.60 -2.87 12.95
CA GLY B 193 2.45 -2.42 14.02
C GLY B 193 2.20 -1.03 14.58
N ASP B 194 1.30 -0.24 13.98
CA ASP B 194 0.91 1.08 14.50
C ASP B 194 2.10 2.03 14.67
N ALA B 195 3.18 1.84 13.91
CA ALA B 195 4.35 2.70 13.98
C ALA B 195 4.24 3.91 13.03
N THR B 196 5.20 4.81 13.14
CA THR B 196 5.31 5.99 12.28
C THR B 196 6.42 5.68 11.28
N VAL B 197 6.05 5.34 10.07
CA VAL B 197 6.98 4.75 9.12
C VAL B 197 7.40 5.79 8.09
N THR B 198 8.71 5.93 7.92
CA THR B 198 9.27 6.69 6.81
C THR B 198 9.76 5.70 5.75
N ILE B 199 9.34 5.93 4.51
CA ILE B 199 9.78 5.17 3.35
C ILE B 199 10.84 5.99 2.63
N SER B 200 12.07 5.49 2.59
CA SER B 200 13.13 6.08 1.79
C SER B 200 13.51 5.12 0.66
N HIS B 201 14.16 5.66 -0.36
CA HIS B 201 14.45 4.91 -1.57
C HIS B 201 15.59 5.62 -2.32
N ARG B 202 15.77 5.27 -3.59
CA ARG B 202 16.99 5.64 -4.31
C ARG B 202 17.15 7.14 -4.50
N TYR B 203 16.05 7.91 -4.51
CA TYR B 203 16.17 9.35 -4.68
C TYR B 203 16.16 10.08 -3.35
N THR B 204 16.39 9.37 -2.26
CA THR B 204 16.52 10.03 -0.97
C THR B 204 17.98 10.43 -0.78
N PRO B 205 18.27 11.71 -0.60
CA PRO B 205 19.65 12.10 -0.24
C PRO B 205 20.04 11.53 1.12
N LYS B 206 21.34 11.24 1.28
CA LYS B 206 21.81 10.61 2.51
C LYS B 206 21.54 11.49 3.72
N GLU B 207 21.73 12.80 3.56
CA GLU B 207 21.48 13.73 4.66
C GLU B 207 20.04 13.61 5.14
N GLN B 208 19.10 13.47 4.21
CA GLN B 208 17.70 13.35 4.60
C GLN B 208 17.38 11.96 5.14
N LEU B 209 18.10 10.92 4.67
CA LEU B 209 18.00 9.61 5.29
C LEU B 209 18.50 9.66 6.74
N LYS B 210 19.68 10.25 6.94
CA LYS B 210 20.23 10.31 8.29
C LYS B 210 19.36 11.17 9.21
N LYS B 211 18.82 12.28 8.68
CA LYS B 211 17.95 13.12 9.48
C LYS B 211 16.71 12.38 9.97
N HIS B 212 16.30 11.32 9.26
CA HIS B 212 15.14 10.51 9.65
C HIS B 212 15.52 9.27 10.46
N THR B 213 16.73 8.72 10.29
CA THR B 213 17.13 7.54 11.04
C THR B 213 17.56 7.88 12.45
N ILE B 214 18.18 9.05 12.66
CA ILE B 214 18.52 9.46 14.02
C ILE B 214 17.29 9.62 14.87
N LEU B 215 16.12 9.75 14.25
CA LEU B 215 14.87 9.79 14.98
C LEU B 215 14.25 8.43 15.15
N ALA B 216 14.81 7.38 14.55
CA ALA B 216 14.12 6.10 14.39
C ALA B 216 14.36 5.17 15.57
N ASP B 217 13.29 4.65 16.15
CA ASP B 217 13.40 3.58 17.13
C ASP B 217 13.73 2.24 16.48
N ILE B 218 13.31 2.06 15.22
CA ILE B 218 13.65 0.88 14.43
C ILE B 218 14.01 1.31 13.03
N VAL B 219 15.23 1.01 12.59
CA VAL B 219 15.63 1.19 11.19
C VAL B 219 15.64 -0.17 10.51
N ILE B 220 14.98 -0.26 9.37
CA ILE B 220 14.90 -1.50 8.58
C ILE B 220 15.49 -1.21 7.21
N SER B 221 16.53 -1.96 6.84
CA SER B 221 17.23 -1.71 5.59
C SER B 221 16.96 -2.83 4.59
N ALA B 222 16.31 -2.48 3.48
CA ALA B 222 16.00 -3.44 2.43
C ALA B 222 16.34 -2.83 1.07
N ALA B 223 17.55 -2.29 0.95
CA ALA B 223 17.96 -1.57 -0.25
C ALA B 223 18.99 -2.31 -1.10
N GLY B 224 19.69 -3.29 -0.54
CA GLY B 224 20.73 -3.98 -1.30
C GLY B 224 21.94 -3.12 -1.59
N ILE B 225 22.37 -2.33 -0.61
CA ILE B 225 23.54 -1.46 -0.71
C ILE B 225 24.45 -1.75 0.47
N PRO B 226 25.72 -2.13 0.25
CA PRO B 226 26.57 -2.45 1.40
C PRO B 226 27.00 -1.18 2.10
N ASN B 227 27.04 -1.26 3.43
CA ASN B 227 27.45 -0.18 4.30
C ASN B 227 26.53 1.03 4.26
N LEU B 228 25.26 0.85 3.86
CA LEU B 228 24.33 1.97 3.85
C LEU B 228 24.11 2.52 5.25
N ILE B 229 23.85 1.65 6.22
CA ILE B 229 23.55 2.09 7.57
C ILE B 229 24.84 2.13 8.37
N THR B 230 25.23 3.32 8.83
CA THR B 230 26.42 3.50 9.64
C THR B 230 26.02 4.12 10.98
N ALA B 231 26.92 4.01 11.96
CA ALA B 231 26.55 4.26 13.36
C ALA B 231 26.10 5.69 13.63
N ASP B 232 26.56 6.66 12.81
CA ASP B 232 26.13 8.04 13.01
C ASP B 232 24.66 8.24 12.65
N MET B 233 24.09 7.35 11.84
CA MET B 233 22.68 7.49 11.47
C MET B 233 21.74 6.89 12.50
N ILE B 234 22.25 6.07 13.42
CA ILE B 234 21.42 5.29 14.35
C ILE B 234 21.50 5.93 15.73
N LYS B 235 20.34 6.14 16.34
CA LYS B 235 20.29 6.62 17.71
C LYS B 235 20.62 5.48 18.67
N GLU B 236 21.13 5.86 19.85
CA GLU B 236 21.54 4.86 20.83
C GLU B 236 20.36 4.00 21.27
N GLY B 237 20.54 2.68 21.21
CA GLY B 237 19.56 1.71 21.65
C GLY B 237 18.53 1.27 20.63
N ALA B 238 18.55 1.81 19.43
CA ALA B 238 17.51 1.50 18.45
C ALA B 238 17.73 0.14 17.82
N ALA B 239 16.63 -0.49 17.40
CA ALA B 239 16.68 -1.78 16.72
C ALA B 239 17.03 -1.60 15.25
N VAL B 240 17.95 -2.39 14.74
CA VAL B 240 18.32 -2.31 13.33
C VAL B 240 18.18 -3.70 12.71
N ILE B 241 17.37 -3.81 11.66
CA ILE B 241 17.03 -5.07 11.02
C ILE B 241 17.55 -5.03 9.58
N ASP B 242 18.51 -5.92 9.27
CA ASP B 242 19.22 -5.91 7.99
C ASP B 242 18.59 -6.96 7.08
N VAL B 243 17.77 -6.51 6.14
CA VAL B 243 17.14 -7.39 5.16
C VAL B 243 18.02 -7.63 3.93
N GLY B 244 18.91 -6.71 3.59
CA GLY B 244 19.73 -6.88 2.41
C GLY B 244 20.71 -8.04 2.53
N ILE B 245 20.98 -8.67 1.39
CA ILE B 245 21.94 -9.78 1.31
C ILE B 245 22.90 -9.40 0.18
N ASN B 246 24.10 -8.90 0.55
CA ASN B 246 25.05 -8.34 -0.40
C ASN B 246 26.32 -9.17 -0.44
N ARG B 247 26.72 -9.58 -1.65
CA ARG B 247 27.94 -10.38 -1.85
C ARG B 247 29.11 -9.44 -2.14
N VAL B 248 29.60 -8.79 -1.08
CA VAL B 248 30.84 -7.99 -1.08
C VAL B 248 32.04 -8.92 -0.89
N HIS B 249 33.26 -8.41 -1.05
CA HIS B 249 34.46 -9.26 -0.95
C HIS B 249 35.37 -8.90 0.25
N LYS B 257 32.79 -12.82 0.14
CA LYS B 257 32.06 -12.67 1.39
C LYS B 257 30.56 -12.40 1.16
N LEU B 258 29.85 -12.04 2.24
CA LEU B 258 28.40 -11.83 2.18
C LEU B 258 27.96 -11.02 3.40
N VAL B 259 27.45 -9.81 3.16
CA VAL B 259 27.07 -8.88 4.22
C VAL B 259 25.77 -8.18 3.83
N GLY B 260 25.16 -7.52 4.82
CA GLY B 260 23.92 -6.81 4.63
C GLY B 260 24.10 -5.38 4.18
N ASP B 261 23.07 -4.57 4.45
CA ASP B 261 23.18 -3.14 4.20
C ASP B 261 23.88 -2.42 5.35
N VAL B 262 23.81 -2.97 6.55
CA VAL B 262 24.34 -2.30 7.72
C VAL B 262 25.84 -2.51 7.81
N ASP B 263 26.52 -1.54 8.42
CA ASP B 263 27.88 -1.71 8.93
C ASP B 263 27.72 -2.40 10.27
N PHE B 264 27.87 -3.72 10.27
CA PHE B 264 27.50 -4.51 11.43
C PHE B 264 28.38 -4.20 12.63
N GLU B 265 29.71 -4.23 12.45
CA GLU B 265 30.59 -4.04 13.60
C GLU B 265 30.39 -2.67 14.22
N GLY B 266 30.34 -1.62 13.39
CA GLY B 266 30.13 -0.28 13.91
C GLY B 266 28.79 -0.10 14.60
N VAL B 267 27.70 -0.44 13.89
CA VAL B 267 26.36 -0.27 14.45
C VAL B 267 26.12 -1.24 15.62
N ARG B 268 26.96 -2.27 15.74
CA ARG B 268 26.95 -3.14 16.92
C ARG B 268 27.24 -2.36 18.19
N GLN B 269 27.87 -1.19 18.07
CA GLN B 269 28.25 -0.39 19.23
C GLN B 269 27.20 0.63 19.64
N LYS B 270 26.38 1.12 18.69
CA LYS B 270 25.38 2.12 19.02
C LYS B 270 23.97 1.55 19.16
N ALA B 271 23.67 0.48 18.44
CA ALA B 271 22.33 -0.08 18.46
C ALA B 271 22.07 -0.83 19.78
N GLY B 272 20.79 -0.92 20.13
CA GLY B 272 20.36 -1.82 21.19
C GLY B 272 20.26 -3.24 20.69
N TYR B 273 19.46 -3.44 19.63
CA TYR B 273 19.33 -4.70 18.92
C TYR B 273 19.87 -4.58 17.50
N ILE B 274 20.32 -5.70 16.94
CA ILE B 274 20.81 -5.75 15.56
C ILE B 274 20.65 -7.17 15.06
N THR B 275 20.56 -7.32 13.73
CA THR B 275 20.46 -8.64 13.11
C THR B 275 21.67 -8.89 12.23
N PRO B 276 22.23 -10.08 12.27
CA PRO B 276 23.43 -10.37 11.50
C PRO B 276 23.07 -10.81 10.09
N VAL B 277 24.02 -10.62 9.18
CA VAL B 277 23.89 -11.22 7.87
C VAL B 277 25.17 -12.02 7.63
N PRO B 278 25.09 -13.31 7.30
CA PRO B 278 23.86 -14.09 7.20
C PRO B 278 23.19 -14.47 8.53
N GLY B 279 22.30 -15.46 8.49
CA GLY B 279 21.66 -15.94 9.71
C GLY B 279 20.75 -14.95 10.39
N GLY B 280 20.31 -13.90 9.69
CA GLY B 280 19.36 -12.95 10.26
C GLY B 280 17.96 -13.07 9.69
N VAL B 281 17.60 -12.17 8.77
CA VAL B 281 16.28 -12.21 8.15
C VAL B 281 16.16 -13.44 7.25
N GLY B 282 17.28 -13.86 6.63
CA GLY B 282 17.32 -14.95 5.67
C GLY B 282 16.55 -16.18 6.11
N PRO B 283 16.95 -16.76 7.25
CA PRO B 283 16.21 -17.92 7.77
C PRO B 283 14.76 -17.63 8.11
N MET B 284 14.41 -16.38 8.45
CA MET B 284 13.01 -16.06 8.74
C MET B 284 12.16 -16.16 7.49
N THR B 285 12.73 -15.80 6.33
CA THR B 285 11.98 -15.92 5.08
C THR B 285 11.60 -17.37 4.83
N VAL B 286 12.56 -18.27 5.01
CA VAL B 286 12.25 -19.69 4.87
C VAL B 286 11.21 -20.12 5.91
N ALA B 287 11.30 -19.59 7.13
CA ALA B 287 10.37 -20.00 8.17
C ALA B 287 8.94 -19.58 7.86
N MET B 288 8.73 -18.32 7.45
CA MET B 288 7.36 -17.85 7.25
C MET B 288 6.72 -18.49 6.01
N LEU B 289 7.51 -18.78 4.96
CA LEU B 289 6.99 -19.57 3.84
C LEU B 289 6.39 -20.89 4.31
N MET B 290 6.98 -21.52 5.35
CA MET B 290 6.39 -22.74 5.92
C MET B 290 5.02 -22.46 6.56
N LYS B 291 4.91 -21.37 7.33
CA LYS B 291 3.59 -20.95 7.83
C LYS B 291 2.58 -20.85 6.69
N ASN B 292 2.93 -20.10 5.63
CA ASN B 292 1.97 -19.87 4.55
C ASN B 292 1.57 -21.16 3.85
N THR B 293 2.46 -22.15 3.83
CA THR B 293 2.11 -23.39 3.15
C THR B 293 1.07 -24.16 3.93
N ILE B 294 1.22 -24.23 5.27
CA ILE B 294 0.18 -24.90 6.06
C ILE B 294 -1.12 -24.08 6.05
N ILE B 295 -1.03 -22.74 5.99
CA ILE B 295 -2.23 -21.92 5.79
C ILE B 295 -2.93 -22.30 4.48
N ALA B 296 -2.17 -22.44 3.39
CA ALA B 296 -2.79 -22.72 2.09
C ALA B 296 -3.43 -24.10 2.08
N ALA B 297 -2.77 -25.07 2.72
CA ALA B 297 -3.32 -26.42 2.72
C ALA B 297 -4.65 -26.46 3.45
N LYS B 298 -4.77 -25.69 4.53
CA LYS B 298 -6.02 -25.65 5.26
C LYS B 298 -7.12 -24.94 4.50
N LYS B 299 -6.78 -24.25 3.40
CA LYS B 299 -7.71 -23.43 2.63
C LYS B 299 -8.52 -22.53 3.56
N VAL B 300 -7.80 -21.82 4.44
CA VAL B 300 -8.41 -20.85 5.34
C VAL B 300 -9.05 -19.69 4.58
N LEU B 301 -8.65 -19.46 3.33
CA LEU B 301 -9.07 -18.30 2.57
C LEU B 301 -9.74 -18.72 1.27
#